data_5FZK
#
_entry.id   5FZK
#
_cell.length_a   142.050
_cell.length_b   142.050
_cell.length_c   152.130
_cell.angle_alpha   90.00
_cell.angle_beta   90.00
_cell.angle_gamma   120.00
#
_symmetry.space_group_name_H-M   'P 65 2 2'
#
loop_
_entity.id
_entity.type
_entity.pdbx_description
1 polymer 'LYSINE-SPECIFIC DEMETHYLASE 5B'
2 non-polymer 'ZINC ION'
3 non-polymer 'CHLORIDE ION'
4 non-polymer 'MANGANESE (II) ION'
5 non-polymer 1,2-ETHANEDIOL
6 non-polymer N,3-dimethyl-N-[(pyridin-3-yl)methyl]-1,2-oxazole-5-carboxamide
7 non-polymer 'PHOSPHATE ION'
8 non-polymer 'DIMETHYL SULFOXIDE'
9 water water
#
_entity_poly.entity_id   1
_entity_poly.type   'polypeptide(L)'
_entity_poly.pdbx_seq_one_letter_code
;SMFLPPPECPVFEPSWEEFADPFAFIHKIRPIAEQTGICKVRPPPDWQPPFACDVDKLHFTPRIQRLNELEAQTRVKLGG
GGARDYTLRTFGEMADAFKSDYFNMPVHMVPTELVEKEFWRLVSTIEEDVTVEYGADIASKEFGSGFPVRDGKIKLSPEE
EEYLDSGWNLNNMPVMEQSVLAHITADICGMKLPWLYVGMCFSSFCWHIEDHWSYSINYLHWGEPKTWYGVPGYAAEQLE
NVMKKLAPELFVSQPDLLHQLVTIMNPNTLMTHEVPVYRTNQCAGEFVITFPRAYHSGFNQGFNFAEAVNFCTVDWLPLG
RQCVEHYRLLHRYCVFSHDEMICKMASKADVLDVVVASTVQKDMAIMIEDEKALRETVRKLGVIDSERMDFELLPDDERQ
CVKCKTTCFMSAISCSCKPGLLVCLHHVKELCSCPPYKYKLRYRYTLDDLYPMMNALKLRAESYNEWALNVNEALEAKI
;
_entity_poly.pdbx_strand_id   A
#
loop_
_chem_comp.id
_chem_comp.type
_chem_comp.name
_chem_comp.formula
CL non-polymer 'CHLORIDE ION' 'Cl -1'
DMS non-polymer 'DIMETHYL SULFOXIDE' 'C2 H6 O S'
EDO non-polymer 1,2-ETHANEDIOL 'C2 H6 O2'
MN non-polymer 'MANGANESE (II) ION' 'Mn 2'
NRW non-polymer N,3-dimethyl-N-[(pyridin-3-yl)methyl]-1,2-oxazole-5-carboxamide 'C12 H13 N3 O2'
PO4 non-polymer 'PHOSPHATE ION' 'O4 P -3'
ZN non-polymer 'ZINC ION' 'Zn 2'
#
# COMPACT_ATOMS: atom_id res chain seq x y z
N SER A 1 -26.02 -14.29 -15.38
CA SER A 1 -26.26 -13.59 -16.62
C SER A 1 -25.90 -12.13 -16.44
N MET A 2 -25.24 -11.55 -17.44
CA MET A 2 -24.65 -10.23 -17.31
C MET A 2 -23.68 -10.20 -16.10
N PHE A 3 -24.15 -10.04 -14.87
CA PHE A 3 -23.21 -10.02 -13.71
C PHE A 3 -23.60 -10.92 -12.54
N LEU A 4 -22.70 -11.86 -12.21
CA LEU A 4 -22.87 -12.69 -11.02
C LEU A 4 -21.95 -12.20 -9.91
N PRO A 5 -22.54 -11.63 -8.85
CA PRO A 5 -21.75 -11.09 -7.73
C PRO A 5 -20.87 -12.18 -7.11
N PRO A 6 -19.56 -11.89 -6.92
CA PRO A 6 -18.69 -12.81 -6.19
C PRO A 6 -19.23 -13.10 -4.80
N PRO A 7 -18.79 -14.21 -4.19
CA PRO A 7 -19.22 -14.46 -2.81
C PRO A 7 -18.72 -13.37 -1.86
N GLU A 8 -19.44 -13.19 -0.75
CA GLU A 8 -19.10 -12.17 0.25
C GLU A 8 -17.82 -12.52 1.00
N CYS A 9 -16.99 -11.50 1.29
CA CYS A 9 -15.79 -11.71 2.12
C CYS A 9 -16.21 -11.84 3.59
N PRO A 10 -15.30 -12.29 4.47
CA PRO A 10 -15.60 -12.37 5.91
C PRO A 10 -15.90 -11.02 6.55
N VAL A 11 -16.82 -11.01 7.51
CA VAL A 11 -17.16 -9.83 8.28
C VAL A 11 -16.95 -10.14 9.75
N PHE A 12 -16.18 -9.28 10.42
CA PHE A 12 -15.86 -9.51 11.83
C PHE A 12 -16.54 -8.44 12.67
N GLU A 13 -17.06 -8.87 13.82
CA GLU A 13 -17.63 -7.98 14.81
C GLU A 13 -16.94 -8.23 16.15
N PRO A 14 -15.74 -7.65 16.32
CA PRO A 14 -14.99 -7.84 17.57
C PRO A 14 -15.67 -7.20 18.79
N SER A 15 -15.59 -7.86 19.94
CA SER A 15 -16.01 -7.25 21.20
C SER A 15 -15.08 -6.10 21.55
N TRP A 16 -15.48 -5.28 22.52
N TRP A 16 -15.48 -5.28 22.52
CA TRP A 16 -14.67 -4.16 22.99
CA TRP A 16 -14.64 -4.17 22.96
C TRP A 16 -13.28 -4.63 23.44
C TRP A 16 -13.25 -4.67 23.35
N GLU A 17 -13.20 -5.88 23.90
CA GLU A 17 -11.92 -6.47 24.31
C GLU A 17 -11.05 -6.87 23.12
N GLU A 18 -11.63 -7.54 22.14
CA GLU A 18 -10.90 -7.93 20.93
C GLU A 18 -10.46 -6.68 20.17
N PHE A 19 -11.32 -5.67 20.21
CA PHE A 19 -11.13 -4.45 19.45
C PHE A 19 -10.05 -3.57 20.02
N ALA A 20 -9.77 -3.74 21.31
CA ALA A 20 -8.82 -2.88 22.03
C ALA A 20 -7.50 -2.73 21.30
N ASP A 21 -6.91 -3.85 20.90
CA ASP A 21 -5.64 -3.82 20.17
C ASP A 21 -5.81 -4.31 18.72
N PRO A 22 -5.70 -3.38 17.75
CA PRO A 22 -5.87 -3.70 16.33
C PRO A 22 -4.87 -4.74 15.84
N PHE A 23 -3.62 -4.65 16.27
CA PHE A 23 -2.62 -5.59 15.77
C PHE A 23 -2.86 -7.00 16.28
N ALA A 24 -3.26 -7.12 17.54
CA ALA A 24 -3.61 -8.43 18.08
C ALA A 24 -4.82 -8.99 17.34
N PHE A 25 -5.80 -8.13 17.08
CA PHE A 25 -7.00 -8.56 16.37
C PHE A 25 -6.68 -9.02 14.94
N ILE A 26 -5.91 -8.21 14.22
CA ILE A 26 -5.56 -8.54 12.84
C ILE A 26 -4.82 -9.86 12.77
N HIS A 27 -3.89 -10.07 13.71
CA HIS A 27 -3.16 -11.33 13.78
C HIS A 27 -4.13 -12.48 14.02
N LYS A 28 -5.15 -12.25 14.84
CA LYS A 28 -6.14 -13.27 15.14
C LYS A 28 -6.93 -13.70 13.89
N ILE A 29 -7.49 -12.74 13.16
CA ILE A 29 -8.33 -13.05 12.00
C ILE A 29 -7.52 -13.47 10.77
N ARG A 30 -6.21 -13.27 10.83
CA ARG A 30 -5.33 -13.51 9.69
C ARG A 30 -5.49 -14.87 8.98
N PRO A 31 -5.64 -15.98 9.73
CA PRO A 31 -5.74 -17.25 9.01
C PRO A 31 -6.97 -17.33 8.10
N ILE A 32 -8.06 -16.67 8.50
CA ILE A 32 -9.29 -16.61 7.72
C ILE A 32 -9.20 -15.58 6.59
N ALA A 33 -8.92 -14.34 6.97
CA ALA A 33 -8.91 -13.21 6.04
C ALA A 33 -7.85 -13.33 4.94
N GLU A 34 -6.71 -13.95 5.23
CA GLU A 34 -5.69 -14.06 4.21
C GLU A 34 -6.09 -15.02 3.08
N GLN A 35 -7.12 -15.83 3.33
CA GLN A 35 -7.64 -16.75 2.30
C GLN A 35 -8.58 -16.01 1.34
N THR A 36 -9.00 -14.81 1.73
CA THR A 36 -9.95 -14.05 0.93
C THR A 36 -9.41 -12.69 0.50
N GLY A 37 -8.27 -12.30 1.06
CA GLY A 37 -7.59 -11.10 0.61
C GLY A 37 -8.08 -9.83 1.26
N ILE A 38 -9.40 -9.64 1.32
CA ILE A 38 -9.98 -8.53 2.05
C ILE A 38 -10.94 -9.05 3.12
N CYS A 39 -11.22 -8.22 4.11
CA CYS A 39 -12.25 -8.52 5.10
C CYS A 39 -12.80 -7.23 5.63
N LYS A 40 -13.98 -7.31 6.23
CA LYS A 40 -14.63 -6.13 6.78
C LYS A 40 -14.65 -6.25 8.30
N VAL A 41 -14.39 -5.13 8.97
CA VAL A 41 -14.44 -5.12 10.41
C VAL A 41 -15.48 -4.11 10.86
N ARG A 42 -16.46 -4.59 11.62
CA ARG A 42 -17.45 -3.72 12.24
C ARG A 42 -17.02 -3.40 13.66
N PRO A 43 -16.78 -2.12 13.93
CA PRO A 43 -16.40 -1.77 15.31
C PRO A 43 -17.57 -1.98 16.27
N PRO A 44 -17.29 -2.11 17.57
CA PRO A 44 -18.34 -2.18 18.58
C PRO A 44 -19.25 -0.96 18.46
N PRO A 45 -20.55 -1.14 18.73
CA PRO A 45 -21.63 -0.17 18.45
C PRO A 45 -21.38 1.24 18.95
N ASP A 46 -20.74 1.37 20.11
CA ASP A 46 -20.54 2.69 20.72
C ASP A 46 -19.24 3.36 20.27
N TRP A 47 -18.33 2.59 19.67
CA TRP A 47 -17.14 3.18 19.05
C TRP A 47 -17.57 4.04 17.87
N GLN A 48 -17.67 5.35 18.10
CA GLN A 48 -18.18 6.28 17.12
C GLN A 48 -17.35 7.55 17.13
N PRO A 49 -16.21 7.53 16.39
CA PRO A 49 -15.34 8.70 16.29
C PRO A 49 -16.12 9.86 15.73
N PRO A 50 -15.99 11.03 16.35
CA PRO A 50 -16.76 12.19 15.89
C PRO A 50 -16.18 12.71 14.60
N PHE A 51 -17.00 12.75 13.55
CA PHE A 51 -16.56 13.44 12.34
C PHE A 51 -17.16 14.83 12.33
N ALA A 52 -16.29 15.84 12.28
CA ALA A 52 -16.75 17.21 12.15
C ALA A 52 -15.81 17.99 11.23
N CYS A 53 -16.40 18.68 10.27
CA CYS A 53 -15.66 19.64 9.46
C CYS A 53 -16.63 20.61 8.79
N ASP A 54 -16.07 21.70 8.28
CA ASP A 54 -16.81 22.66 7.49
C ASP A 54 -16.79 22.24 6.03
N VAL A 55 -17.95 22.04 5.45
CA VAL A 55 -18.03 21.61 4.07
C VAL A 55 -17.64 22.73 3.09
N ASP A 56 -17.53 23.96 3.60
CA ASP A 56 -17.25 25.10 2.72
C ASP A 56 -15.77 25.49 2.70
N LYS A 57 -15.05 25.13 3.76
CA LYS A 57 -13.66 25.56 3.86
C LYS A 57 -12.67 24.50 3.41
N LEU A 58 -13.11 23.24 3.36
CA LEU A 58 -12.27 22.19 2.79
C LEU A 58 -12.35 22.23 1.26
N HIS A 59 -11.24 22.56 0.61
CA HIS A 59 -11.10 22.62 -0.86
CA HIS A 59 -11.22 22.51 -0.85
C HIS A 59 -10.26 21.43 -1.35
N PHE A 60 -10.50 20.97 -2.58
CA PHE A 60 -9.57 20.01 -3.21
C PHE A 60 -9.69 20.02 -4.72
N THR A 61 -8.64 19.54 -5.36
CA THR A 61 -8.54 19.49 -6.81
C THR A 61 -8.93 18.09 -7.28
N PRO A 62 -10.00 18.00 -8.08
CA PRO A 62 -10.56 16.69 -8.40
C PRO A 62 -9.82 16.02 -9.55
N ARG A 63 -9.78 14.69 -9.53
N ARG A 63 -9.72 14.69 -9.50
CA ARG A 63 -9.23 13.90 -10.62
CA ARG A 63 -9.25 13.93 -10.64
C ARG A 63 -10.35 13.35 -11.51
C ARG A 63 -10.44 13.65 -11.55
N ILE A 64 -10.16 13.43 -12.83
CA ILE A 64 -11.19 13.02 -13.79
C ILE A 64 -10.96 11.58 -14.25
N GLN A 65 -12.03 10.82 -14.38
CA GLN A 65 -11.91 9.40 -14.61
C GLN A 65 -12.89 8.95 -15.68
N ARG A 66 -12.36 8.30 -16.73
CA ARG A 66 -13.17 7.62 -17.73
C ARG A 66 -13.42 6.17 -17.32
N LEU A 67 -14.65 5.70 -17.51
CA LEU A 67 -15.01 4.38 -17.01
C LEU A 67 -15.07 3.32 -18.11
N ASN A 68 -13.91 2.83 -18.51
CA ASN A 68 -13.81 1.80 -19.55
C ASN A 68 -13.02 0.59 -19.10
N GLU A 69 -13.66 -0.59 -19.14
CA GLU A 69 -12.97 -1.82 -18.77
C GLU A 69 -11.72 -2.01 -19.64
N LEU A 70 -10.63 -2.43 -19.00
CA LEU A 70 -9.36 -2.77 -19.66
C LEU A 70 -8.57 -1.58 -20.18
N GLU A 71 -9.08 -0.37 -20.00
CA GLU A 71 -8.35 0.83 -20.42
C GLU A 71 -7.34 1.22 -19.35
N ALA A 72 -6.15 1.63 -19.79
CA ALA A 72 -5.07 1.99 -18.87
C ALA A 72 -5.37 3.29 -18.14
N GLN A 73 -5.16 3.26 -16.83
CA GLN A 73 -5.20 4.45 -15.98
C GLN A 73 -3.90 4.53 -15.18
N THR A 74 -3.48 5.75 -14.84
CA THR A 74 -2.30 5.92 -14.01
C THR A 74 -2.78 6.02 -12.57
N ARG A 75 -2.10 5.32 -11.66
CA ARG A 75 -2.69 5.09 -10.33
C ARG A 75 -2.72 6.31 -9.40
N VAL A 76 -1.66 7.11 -9.44
CA VAL A 76 -1.66 8.34 -8.64
C VAL A 76 -1.31 9.54 -9.51
N LYS A 77 -1.63 10.74 -9.00
CA LYS A 77 -1.37 11.98 -9.72
C LYS A 77 -1.39 13.16 -8.74
N ARG A 84 -9.52 23.00 -12.23
CA ARG A 84 -10.79 22.73 -11.55
C ARG A 84 -10.58 22.73 -10.03
N ASP A 85 -11.65 23.00 -9.29
CA ASP A 85 -11.55 23.04 -7.82
C ASP A 85 -12.92 22.99 -7.14
N TYR A 86 -13.06 22.08 -6.17
CA TYR A 86 -14.33 21.92 -5.46
C TYR A 86 -14.18 22.15 -3.96
N THR A 87 -15.24 22.62 -3.31
CA THR A 87 -15.32 22.44 -1.87
C THR A 87 -16.04 21.11 -1.65
N LEU A 88 -15.98 20.60 -0.42
CA LEU A 88 -16.74 19.41 -0.10
C LEU A 88 -18.22 19.58 -0.42
N ARG A 89 -18.74 20.80 -0.20
CA ARG A 89 -20.16 21.06 -0.49
C ARG A 89 -20.44 21.07 -1.99
N THR A 90 -19.63 21.77 -2.78
CA THR A 90 -19.88 21.83 -4.22
C THR A 90 -19.65 20.45 -4.87
N PHE A 91 -18.69 19.67 -4.36
CA PHE A 91 -18.52 18.32 -4.88
C PHE A 91 -19.75 17.49 -4.57
N GLY A 92 -20.21 17.55 -3.32
CA GLY A 92 -21.37 16.81 -2.89
C GLY A 92 -22.61 17.12 -3.71
N GLU A 93 -22.82 18.40 -3.99
CA GLU A 93 -23.94 18.83 -4.83
C GLU A 93 -23.81 18.28 -6.24
N MET A 94 -22.60 18.29 -6.78
CA MET A 94 -22.36 17.74 -8.11
C MET A 94 -22.63 16.25 -8.09
N ALA A 95 -22.11 15.55 -7.07
CA ALA A 95 -22.21 14.09 -6.99
C ALA A 95 -23.66 13.60 -6.84
N ASP A 96 -24.44 14.27 -5.99
CA ASP A 96 -25.84 13.87 -5.75
C ASP A 96 -26.70 14.08 -6.98
N ALA A 97 -26.54 15.22 -7.63
CA ALA A 97 -27.24 15.53 -8.87
C ALA A 97 -26.88 14.54 -9.98
N PHE A 98 -25.60 14.16 -10.06
CA PHE A 98 -25.17 13.18 -11.05
C PHE A 98 -25.89 11.86 -10.86
N LYS A 99 -25.87 11.33 -9.65
CA LYS A 99 -26.50 10.05 -9.38
C LYS A 99 -28.03 10.12 -9.55
N SER A 100 -28.60 11.20 -9.03
CA SER A 100 -30.04 11.42 -9.11
C SER A 100 -30.51 11.44 -10.57
N ASP A 101 -29.79 12.18 -11.41
CA ASP A 101 -30.10 12.30 -12.83
C ASP A 101 -29.85 11.01 -13.61
N TYR A 102 -28.81 10.28 -13.23
CA TYR A 102 -28.45 9.03 -13.91
C TYR A 102 -29.56 8.01 -13.80
N PHE A 103 -30.19 7.92 -12.65
CA PHE A 103 -31.16 6.88 -12.42
C PHE A 103 -32.59 7.42 -12.43
N ASN A 104 -32.73 8.73 -12.54
CA ASN A 104 -33.99 9.43 -12.36
C ASN A 104 -34.69 8.98 -11.07
N MET A 105 -33.91 8.91 -9.99
CA MET A 105 -34.43 8.51 -8.68
C MET A 105 -33.79 9.31 -7.57
N PRO A 106 -34.39 9.32 -6.36
CA PRO A 106 -33.65 9.82 -5.17
C PRO A 106 -32.53 8.85 -4.79
N VAL A 107 -31.38 9.36 -4.34
CA VAL A 107 -30.17 8.54 -4.17
C VAL A 107 -30.30 7.29 -3.26
N HIS A 108 -31.16 7.39 -2.26
CA HIS A 108 -31.32 6.36 -1.22
C HIS A 108 -32.25 5.27 -1.62
N MET A 109 -32.86 5.44 -2.78
CA MET A 109 -33.80 4.47 -3.26
C MET A 109 -33.13 3.64 -4.31
N VAL A 110 -31.94 4.06 -4.75
CA VAL A 110 -31.19 3.28 -5.72
C VAL A 110 -30.47 2.12 -5.03
N PRO A 111 -30.96 0.90 -5.24
CA PRO A 111 -30.44 -0.33 -4.65
C PRO A 111 -28.96 -0.54 -4.97
N THR A 112 -28.20 -1.05 -3.99
CA THR A 112 -26.75 -1.20 -4.20
C THR A 112 -26.49 -2.24 -5.27
N GLU A 113 -27.31 -3.30 -5.33
N GLU A 113 -27.34 -3.27 -5.29
CA GLU A 113 -27.11 -4.35 -6.32
CA GLU A 113 -27.27 -4.35 -6.27
C GLU A 113 -27.42 -3.86 -7.75
C GLU A 113 -27.41 -3.83 -7.70
N LEU A 114 -28.25 -2.82 -7.87
CA LEU A 114 -28.48 -2.21 -9.18
C LEU A 114 -27.32 -1.33 -9.62
N VAL A 115 -26.77 -0.55 -8.68
CA VAL A 115 -25.60 0.26 -9.00
C VAL A 115 -24.43 -0.63 -9.45
N GLU A 116 -24.26 -1.76 -8.76
CA GLU A 116 -23.21 -2.72 -9.11
C GLU A 116 -23.43 -3.30 -10.51
N LYS A 117 -24.65 -3.75 -10.77
CA LYS A 117 -25.00 -4.28 -12.10
C LYS A 117 -24.73 -3.23 -13.16
N GLU A 118 -25.22 -2.02 -12.91
CA GLU A 118 -25.06 -0.95 -13.86
C GLU A 118 -23.62 -0.56 -14.09
N PHE A 119 -22.80 -0.62 -13.03
CA PHE A 119 -21.39 -0.25 -13.17
C PHE A 119 -20.71 -1.15 -14.18
N TRP A 120 -20.91 -2.46 -14.02
CA TRP A 120 -20.26 -3.41 -14.90
C TRP A 120 -20.88 -3.40 -16.31
N ARG A 121 -22.15 -3.03 -16.45
CA ARG A 121 -22.69 -2.79 -17.78
C ARG A 121 -21.97 -1.61 -18.42
N LEU A 122 -21.90 -0.48 -17.72
CA LEU A 122 -21.42 0.72 -18.39
C LEU A 122 -19.93 0.68 -18.74
N VAL A 123 -19.10 0.01 -17.94
CA VAL A 123 -17.67 0.00 -18.23
C VAL A 123 -17.35 -0.92 -19.43
N SER A 124 -18.24 -1.88 -19.70
CA SER A 124 -18.03 -2.86 -20.75
C SER A 124 -18.53 -2.35 -22.10
N THR A 125 -19.45 -1.41 -22.03
CA THR A 125 -20.14 -0.89 -23.21
C THR A 125 -19.35 0.25 -23.87
N ILE A 126 -18.85 -0.01 -25.08
CA ILE A 126 -18.00 0.95 -25.80
C ILE A 126 -18.66 2.32 -26.01
N GLU A 127 -19.95 2.31 -26.33
CA GLU A 127 -20.65 3.52 -26.75
C GLU A 127 -21.05 4.44 -25.59
N GLU A 128 -20.99 3.92 -24.37
CA GLU A 128 -21.16 4.77 -23.20
C GLU A 128 -19.82 5.42 -22.85
N ASP A 129 -19.78 6.74 -22.82
CA ASP A 129 -18.57 7.42 -22.36
C ASP A 129 -18.86 8.22 -21.09
N VAL A 130 -19.20 7.49 -20.02
CA VAL A 130 -19.43 8.10 -18.72
C VAL A 130 -18.10 8.52 -18.08
N THR A 131 -18.00 9.76 -17.64
CA THR A 131 -16.81 10.15 -16.87
C THR A 131 -17.24 10.70 -15.52
N VAL A 132 -16.45 10.44 -14.49
CA VAL A 132 -16.77 10.93 -13.17
C VAL A 132 -15.53 11.59 -12.56
N GLU A 133 -15.72 12.18 -11.39
CA GLU A 133 -14.65 12.88 -10.69
C GLU A 133 -14.51 12.36 -9.28
N TYR A 134 -13.35 12.56 -8.67
CA TYR A 134 -13.14 12.15 -7.28
C TYR A 134 -11.96 12.87 -6.67
N GLY A 135 -11.84 12.74 -5.35
CA GLY A 135 -10.72 13.32 -4.65
C GLY A 135 -9.85 12.21 -4.10
N ALA A 136 -8.53 12.40 -4.23
CA ALA A 136 -7.56 11.53 -3.58
C ALA A 136 -6.28 12.32 -3.30
N ASP A 137 -5.99 12.57 -2.03
CA ASP A 137 -4.77 13.29 -1.59
C ASP A 137 -4.35 12.85 -0.20
N ILE A 138 -3.07 12.98 0.14
CA ILE A 138 -2.69 12.73 1.53
C ILE A 138 -3.17 13.89 2.37
N ALA A 139 -3.26 13.67 3.68
CA ALA A 139 -3.72 14.70 4.59
C ALA A 139 -2.80 15.92 4.53
N SER A 140 -3.41 17.11 4.57
CA SER A 140 -2.66 18.36 4.57
C SER A 140 -3.44 19.45 5.31
N LYS A 141 -2.98 20.70 5.22
CA LYS A 141 -3.63 21.80 5.91
C LYS A 141 -4.86 22.30 5.16
N GLU A 142 -4.86 22.15 3.83
CA GLU A 142 -6.03 22.50 3.02
C GLU A 142 -7.12 21.47 3.23
N PHE A 143 -6.69 20.25 3.58
CA PHE A 143 -7.61 19.13 3.75
C PHE A 143 -6.99 18.09 4.69
N GLY A 144 -7.51 18.00 5.91
CA GLY A 144 -6.89 17.18 6.93
C GLY A 144 -7.65 15.91 7.25
N SER A 145 -7.09 15.10 8.15
CA SER A 145 -7.68 13.83 8.54
C SER A 145 -9.14 13.95 9.03
N GLY A 146 -9.93 12.91 8.78
CA GLY A 146 -11.27 12.85 9.32
C GLY A 146 -11.25 12.40 10.76
N PHE A 147 -10.10 11.88 11.22
CA PHE A 147 -9.96 11.50 12.62
C PHE A 147 -9.42 12.67 13.45
N PRO A 148 -9.78 12.71 14.76
CA PRO A 148 -9.23 13.74 15.65
C PRO A 148 -7.71 13.70 15.66
N VAL A 149 -7.09 14.87 15.58
CA VAL A 149 -5.63 14.99 15.70
C VAL A 149 -5.30 16.06 16.72
N ARG A 150 -4.02 16.22 17.04
CA ARG A 150 -3.64 17.20 18.05
C ARG A 150 -3.36 18.58 17.49
N ASP A 151 -3.82 19.60 18.22
CA ASP A 151 -3.69 21.00 17.85
C ASP A 151 -3.96 21.86 19.08
N ILE A 154 -6.51 24.61 18.17
CA ILE A 154 -7.90 24.20 18.30
C ILE A 154 -8.12 23.28 19.51
N LYS A 155 -9.09 23.65 20.34
CA LYS A 155 -9.47 22.91 21.54
C LYS A 155 -10.43 21.77 21.17
N LEU A 156 -10.12 20.57 21.66
CA LEU A 156 -10.90 19.38 21.34
C LEU A 156 -11.93 19.10 22.43
N SER A 157 -13.13 18.69 22.01
CA SER A 157 -14.17 18.25 22.94
C SER A 157 -13.75 16.94 23.60
N PRO A 158 -14.23 16.69 24.85
CA PRO A 158 -13.91 15.43 25.56
C PRO A 158 -14.10 14.17 24.70
N GLU A 159 -15.14 14.13 23.86
CA GLU A 159 -15.35 12.94 23.04
C GLU A 159 -14.25 12.76 22.00
N GLU A 160 -13.81 13.87 21.41
CA GLU A 160 -12.69 13.84 20.46
C GLU A 160 -11.41 13.30 21.10
N GLU A 161 -11.16 13.67 22.35
CA GLU A 161 -9.96 13.21 23.03
C GLU A 161 -10.04 11.73 23.35
N GLU A 162 -11.25 11.20 23.50
CA GLU A 162 -11.44 9.76 23.66
C GLU A 162 -10.80 8.96 22.51
N TYR A 163 -10.85 9.53 21.31
CA TYR A 163 -10.43 8.82 20.10
C TYR A 163 -9.06 9.26 19.59
N LEU A 164 -8.44 10.22 20.27
CA LEU A 164 -7.14 10.75 19.87
C LEU A 164 -6.08 9.67 19.82
N ASP A 165 -6.15 8.73 20.76
CA ASP A 165 -5.08 7.77 20.91
C ASP A 165 -5.57 6.36 20.62
N SER A 166 -6.66 6.27 19.87
CA SER A 166 -7.16 4.96 19.47
C SER A 166 -6.18 4.26 18.53
N GLY A 167 -6.03 2.95 18.70
CA GLY A 167 -5.30 2.17 17.71
C GLY A 167 -5.94 2.30 16.32
N TRP A 168 -7.27 2.43 16.29
CA TRP A 168 -7.99 2.47 15.01
C TRP A 168 -8.15 3.87 14.46
N ASN A 169 -7.66 4.87 15.17
CA ASN A 169 -7.45 6.18 14.58
C ASN A 169 -6.31 6.04 13.58
N LEU A 170 -6.61 6.12 12.28
CA LEU A 170 -5.63 5.73 11.26
C LEU A 170 -4.36 6.60 11.24
N ASN A 171 -4.39 7.76 11.89
CA ASN A 171 -3.16 8.53 12.09
C ASN A 171 -2.14 7.83 13.00
N ASN A 172 -2.63 7.11 14.00
CA ASN A 172 -1.76 6.44 14.95
C ASN A 172 -1.20 5.13 14.44
N MET A 173 -1.94 4.49 13.56
CA MET A 173 -1.61 3.16 13.05
C MET A 173 -0.14 2.99 12.60
N PRO A 174 0.39 3.94 11.80
CA PRO A 174 1.78 3.72 11.37
C PRO A 174 2.83 3.83 12.49
N VAL A 175 2.50 4.47 13.62
CA VAL A 175 3.52 4.78 14.64
C VAL A 175 3.34 4.03 15.96
N MET A 176 2.62 2.91 15.92
CA MET A 176 2.47 2.08 17.12
C MET A 176 3.61 1.03 17.28
N GLU A 177 3.63 0.34 18.41
CA GLU A 177 4.79 -0.51 18.76
C GLU A 177 4.90 -1.84 17.95
N GLN A 178 3.83 -2.63 17.94
CA GLN A 178 3.58 -3.64 16.86
C GLN A 178 3.88 -3.42 15.34
N SER A 179 3.93 -2.18 14.91
CA SER A 179 4.17 -1.95 13.50
C SER A 179 5.68 -1.79 13.23
N VAL A 180 6.14 -2.05 12.00
CA VAL A 180 7.58 -1.97 11.70
C VAL A 180 7.94 -0.78 10.80
N LEU A 181 6.93 -0.14 10.22
CA LEU A 181 7.13 0.96 9.29
C LEU A 181 7.35 2.33 9.96
N ALA A 182 7.34 2.36 11.30
CA ALA A 182 7.35 3.61 12.07
C ALA A 182 8.70 4.29 12.12
N HIS A 183 9.63 3.61 12.76
CA HIS A 183 10.98 4.11 12.98
C HIS A 183 11.79 4.23 11.70
N ILE A 184 11.17 3.88 10.56
CA ILE A 184 11.74 4.28 9.28
C ILE A 184 11.93 5.80 9.30
N THR A 185 13.18 6.21 9.35
CA THR A 185 13.50 7.63 9.37
C THR A 185 13.40 8.17 7.94
N ALA A 186 13.59 7.29 6.97
CA ALA A 186 13.51 7.66 5.55
C ALA A 186 12.17 8.30 5.19
N ASP A 187 12.23 9.24 4.27
CA ASP A 187 11.04 9.94 3.78
C ASP A 187 10.17 8.99 2.96
N ILE A 188 9.01 8.64 3.50
CA ILE A 188 8.04 7.83 2.77
C ILE A 188 6.62 8.30 3.07
N CYS A 189 6.43 9.63 3.05
CA CYS A 189 5.13 10.24 3.38
C CYS A 189 4.00 9.70 2.52
N GLY A 190 4.31 9.34 1.28
CA GLY A 190 3.32 8.76 0.39
C GLY A 190 2.69 7.48 0.93
N MET A 191 3.36 6.80 1.86
CA MET A 191 2.86 5.51 2.30
C MET A 191 2.76 5.28 3.82
N LYS A 192 3.14 6.25 4.65
CA LYS A 192 2.87 6.10 6.08
C LYS A 192 1.89 7.17 6.59
N LEU A 193 1.54 8.10 5.72
CA LEU A 193 0.50 9.08 6.04
C LEU A 193 -0.83 8.61 5.48
N PRO A 194 -1.94 8.92 6.16
CA PRO A 194 -3.24 8.54 5.62
C PRO A 194 -3.59 9.34 4.36
N TRP A 195 -4.31 8.68 3.45
CA TRP A 195 -4.87 9.33 2.27
C TRP A 195 -6.36 9.55 2.49
N LEU A 196 -6.87 10.66 1.97
CA LEU A 196 -8.28 10.97 2.03
C LEU A 196 -8.93 10.75 0.67
N TYR A 197 -10.11 10.14 0.63
CA TYR A 197 -10.81 9.87 -0.64
C TYR A 197 -12.23 10.41 -0.66
N VAL A 198 -12.52 11.36 -1.54
CA VAL A 198 -13.89 11.84 -1.70
C VAL A 198 -14.52 11.14 -2.91
N GLY A 199 -15.49 10.26 -2.68
CA GLY A 199 -16.09 9.48 -3.77
C GLY A 199 -17.42 10.01 -4.31
N MET A 200 -17.81 9.58 -5.51
CA MET A 200 -19.15 9.82 -6.03
C MET A 200 -19.60 8.54 -6.74
N CYS A 201 -20.85 8.50 -7.21
CA CYS A 201 -21.38 7.29 -7.85
C CYS A 201 -20.48 6.85 -9.01
N PHE A 202 -20.06 5.58 -8.96
CA PHE A 202 -19.22 4.92 -9.99
C PHE A 202 -17.74 5.32 -9.98
N SER A 203 -17.33 6.29 -9.17
CA SER A 203 -15.89 6.60 -9.14
C SER A 203 -15.18 5.37 -8.60
N SER A 204 -14.07 4.98 -9.22
CA SER A 204 -13.59 3.63 -8.95
C SER A 204 -12.09 3.55 -8.70
N PHE A 205 -11.68 2.50 -8.02
CA PHE A 205 -10.24 2.26 -7.85
C PHE A 205 -9.88 0.99 -8.61
N CYS A 206 -8.91 1.09 -9.51
CA CYS A 206 -8.52 -0.04 -10.34
C CYS A 206 -7.83 -1.15 -9.57
N TRP A 207 -7.75 -2.34 -10.16
CA TRP A 207 -7.05 -3.47 -9.56
C TRP A 207 -5.58 -3.12 -9.22
N HIS A 208 -5.20 -3.31 -7.97
CA HIS A 208 -3.81 -3.08 -7.58
C HIS A 208 -3.49 -3.81 -6.30
N ILE A 209 -2.21 -3.86 -5.99
CA ILE A 209 -1.75 -4.25 -4.66
C ILE A 209 -0.95 -3.08 -4.09
N GLU A 210 -0.71 -3.10 -2.79
CA GLU A 210 -0.04 -1.97 -2.13
C GLU A 210 1.46 -2.05 -2.36
N ASP A 211 2.11 -0.89 -2.36
CA ASP A 211 3.58 -0.86 -2.44
C ASP A 211 4.21 -1.75 -1.36
N HIS A 212 5.26 -2.46 -1.74
CA HIS A 212 5.97 -3.41 -0.87
C HIS A 212 5.06 -4.48 -0.26
N TRP A 213 3.95 -4.74 -0.95
CA TRP A 213 2.97 -5.74 -0.50
C TRP A 213 2.52 -5.51 0.93
N SER A 214 2.39 -4.26 1.32
CA SER A 214 1.93 -3.98 2.68
C SER A 214 0.43 -4.31 2.85
N TYR A 215 0.01 -4.38 4.11
CA TYR A 215 -1.42 -4.28 4.45
C TYR A 215 -1.98 -2.91 4.11
N SER A 216 -3.31 -2.78 3.97
CA SER A 216 -3.92 -1.46 4.06
C SER A 216 -5.20 -1.57 4.89
N ILE A 217 -5.62 -0.45 5.44
CA ILE A 217 -6.82 -0.41 6.25
C ILE A 217 -7.56 0.85 5.82
N ASN A 218 -8.85 0.69 5.54
N ASN A 218 -8.87 0.70 5.67
CA ASN A 218 -9.68 1.77 4.98
CA ASN A 218 -9.70 1.68 5.02
C ASN A 218 -10.88 1.96 5.89
C ASN A 218 -10.95 1.95 5.85
N TYR A 219 -11.14 3.21 6.26
CA TYR A 219 -12.30 3.55 7.08
C TYR A 219 -13.20 4.46 6.30
N LEU A 220 -14.47 4.09 6.24
CA LEU A 220 -15.46 4.94 5.57
C LEU A 220 -16.08 5.84 6.62
N HIS A 221 -15.78 7.13 6.61
CA HIS A 221 -16.24 8.05 7.66
C HIS A 221 -17.75 8.27 7.58
N TRP A 222 -18.22 8.58 6.38
CA TRP A 222 -19.64 8.80 6.10
C TRP A 222 -19.99 8.73 4.61
N GLY A 223 -21.29 8.65 4.34
CA GLY A 223 -21.83 8.68 2.99
C GLY A 223 -22.32 7.31 2.57
N GLU A 224 -22.57 7.18 1.27
CA GLU A 224 -23.07 5.93 0.67
C GLU A 224 -21.94 4.89 0.60
N PRO A 225 -22.30 3.60 0.48
CA PRO A 225 -21.27 2.57 0.61
C PRO A 225 -20.19 2.57 -0.48
N LYS A 226 -19.12 1.84 -0.18
CA LYS A 226 -18.02 1.60 -1.11
C LYS A 226 -18.01 0.11 -1.39
N THR A 227 -18.11 -0.27 -2.66
CA THR A 227 -18.14 -1.68 -3.05
C THR A 227 -16.73 -2.21 -3.35
N TRP A 228 -16.35 -3.33 -2.75
CA TRP A 228 -14.99 -3.85 -2.89
C TRP A 228 -14.95 -5.21 -3.56
N TYR A 229 -13.94 -5.46 -4.38
CA TYR A 229 -13.62 -6.82 -4.77
C TYR A 229 -12.18 -7.13 -4.36
N GLY A 230 -11.94 -8.33 -3.85
CA GLY A 230 -10.63 -8.70 -3.35
C GLY A 230 -10.24 -10.09 -3.77
N VAL A 231 -8.93 -10.30 -3.91
CA VAL A 231 -8.36 -11.59 -4.30
C VAL A 231 -7.26 -11.95 -3.27
N PRO A 232 -7.22 -13.21 -2.81
CA PRO A 232 -6.21 -13.55 -1.80
C PRO A 232 -4.77 -13.47 -2.34
N GLY A 233 -3.81 -13.18 -1.47
CA GLY A 233 -2.41 -13.09 -1.89
C GLY A 233 -1.87 -14.31 -2.64
N TYR A 234 -2.34 -15.49 -2.29
CA TYR A 234 -1.82 -16.68 -2.93
C TYR A 234 -2.16 -16.72 -4.42
N ALA A 235 -3.11 -15.89 -4.84
CA ALA A 235 -3.61 -15.94 -6.21
C ALA A 235 -3.12 -14.76 -7.03
N ALA A 236 -2.23 -13.95 -6.46
CA ALA A 236 -1.75 -12.74 -7.15
C ALA A 236 -1.20 -13.03 -8.56
N GLU A 237 -0.39 -14.07 -8.69
CA GLU A 237 0.25 -14.33 -9.97
C GLU A 237 -0.73 -14.93 -10.98
N GLN A 238 -1.71 -15.69 -10.51
CA GLN A 238 -2.81 -16.10 -11.39
C GLN A 238 -3.53 -14.89 -11.96
N LEU A 239 -3.85 -13.91 -11.11
CA LEU A 239 -4.54 -12.71 -11.58
C LEU A 239 -3.72 -11.97 -12.61
N GLU A 240 -2.42 -11.86 -12.36
CA GLU A 240 -1.57 -11.11 -13.25
C GLU A 240 -1.45 -11.80 -14.62
N ASN A 241 -1.41 -13.12 -14.62
CA ASN A 241 -1.34 -13.86 -15.89
C ASN A 241 -2.60 -13.64 -16.73
N VAL A 242 -3.74 -13.53 -16.06
CA VAL A 242 -5.02 -13.25 -16.72
C VAL A 242 -4.99 -11.84 -17.30
N MET A 243 -4.48 -10.90 -16.52
CA MET A 243 -4.43 -9.52 -16.94
C MET A 243 -3.43 -9.32 -18.08
N LYS A 244 -2.31 -10.03 -18.03
CA LYS A 244 -1.31 -9.92 -19.08
C LYS A 244 -1.90 -10.39 -20.41
N LYS A 245 -2.66 -11.48 -20.36
CA LYS A 245 -3.32 -12.00 -21.55
C LYS A 245 -4.29 -10.99 -22.15
N LEU A 246 -5.15 -10.41 -21.32
CA LEU A 246 -6.22 -9.54 -21.81
C LEU A 246 -5.85 -8.07 -21.96
N ALA A 247 -4.73 -7.63 -21.39
CA ALA A 247 -4.32 -6.22 -21.48
C ALA A 247 -2.81 -6.01 -21.30
N PRO A 248 -2.02 -6.50 -22.27
CA PRO A 248 -0.55 -6.49 -22.17
C PRO A 248 0.07 -5.08 -22.10
N GLU A 249 -0.68 -4.07 -22.50
CA GLU A 249 -0.23 -2.67 -22.44
C GLU A 249 0.14 -2.24 -21.03
N LEU A 250 -0.57 -2.80 -20.04
CA LEU A 250 -0.33 -2.45 -18.64
C LEU A 250 1.00 -2.96 -18.13
N PHE A 251 1.61 -3.87 -18.89
CA PHE A 251 2.78 -4.59 -18.36
C PHE A 251 4.12 -4.15 -18.95
N VAL A 252 4.07 -3.24 -19.92
CA VAL A 252 5.31 -2.67 -20.44
C VAL A 252 6.00 -1.83 -19.35
N SER A 253 7.33 -1.84 -19.33
CA SER A 253 8.12 -1.21 -18.28
C SER A 253 7.87 0.28 -18.24
N GLN A 254 8.08 0.90 -17.09
CA GLN A 254 7.64 2.24 -16.86
C GLN A 254 8.66 2.93 -15.93
N PRO A 255 9.15 4.11 -16.38
CA PRO A 255 10.26 4.88 -15.80
C PRO A 255 10.20 5.12 -14.31
N ASP A 256 9.05 4.91 -13.66
CA ASP A 256 8.98 5.03 -12.20
C ASP A 256 7.66 4.66 -11.53
N LEU A 257 7.53 5.16 -10.30
CA LEU A 257 6.42 4.92 -9.39
C LEU A 257 5.21 5.79 -9.72
N LEU A 258 5.50 6.94 -10.33
CA LEU A 258 4.48 7.91 -10.74
C LEU A 258 3.66 7.39 -11.93
N HIS A 259 4.09 6.27 -12.50
CA HIS A 259 3.58 5.85 -13.79
C HIS A 259 3.09 4.40 -13.82
N GLN A 260 2.86 3.80 -12.65
CA GLN A 260 2.25 2.48 -12.58
C GLN A 260 0.91 2.49 -13.32
N LEU A 261 0.71 1.56 -14.26
CA LEU A 261 -0.52 1.50 -15.04
C LEU A 261 -1.48 0.46 -14.47
N VAL A 262 -2.75 0.84 -14.34
CA VAL A 262 -3.74 -0.04 -13.71
C VAL A 262 -5.05 -0.03 -14.49
N THR A 263 -5.94 -0.96 -14.20
CA THR A 263 -7.18 -1.01 -14.97
C THR A 263 -8.40 -1.59 -14.24
N ILE A 264 -9.57 -1.21 -14.74
CA ILE A 264 -10.85 -1.80 -14.36
C ILE A 264 -11.02 -3.14 -15.05
N MET A 265 -11.42 -4.17 -14.31
CA MET A 265 -11.71 -5.45 -14.94
C MET A 265 -12.76 -6.25 -14.17
N ASN A 266 -13.75 -6.77 -14.90
CA ASN A 266 -14.87 -7.50 -14.32
C ASN A 266 -14.40 -8.69 -13.48
N PRO A 267 -14.80 -8.74 -12.20
CA PRO A 267 -14.44 -9.93 -11.39
C PRO A 267 -14.88 -11.24 -12.04
N ASN A 268 -15.99 -11.23 -12.77
CA ASN A 268 -16.47 -12.46 -13.42
C ASN A 268 -15.43 -12.96 -14.45
N THR A 269 -14.72 -12.03 -15.07
CA THR A 269 -13.67 -12.45 -15.98
C THR A 269 -12.61 -13.23 -15.22
N LEU A 270 -12.25 -12.77 -14.02
CA LEU A 270 -11.26 -13.46 -13.22
C LEU A 270 -11.77 -14.83 -12.76
N MET A 271 -13.03 -14.87 -12.32
CA MET A 271 -13.62 -16.11 -11.80
C MET A 271 -13.75 -17.22 -12.86
N THR A 272 -13.93 -16.80 -14.11
CA THR A 272 -13.98 -17.70 -15.29
C THR A 272 -12.62 -18.35 -15.50
N HIS A 273 -11.63 -17.57 -15.10
CA HIS A 273 -10.21 -17.89 -15.23
C HIS A 273 -9.66 -18.55 -14.02
N GLU A 274 -10.57 -18.96 -13.14
CA GLU A 274 -10.30 -19.71 -11.92
C GLU A 274 -9.57 -18.92 -10.83
N VAL A 275 -9.67 -17.60 -10.92
CA VAL A 275 -9.15 -16.76 -9.86
C VAL A 275 -10.24 -16.50 -8.82
N PRO A 276 -9.96 -16.83 -7.55
CA PRO A 276 -10.93 -16.59 -6.48
C PRO A 276 -11.12 -15.11 -6.17
N VAL A 277 -12.37 -14.65 -6.14
CA VAL A 277 -12.68 -13.25 -5.92
C VAL A 277 -13.78 -13.15 -4.87
N TYR A 278 -13.66 -12.19 -3.94
CA TYR A 278 -14.69 -11.93 -2.94
C TYR A 278 -15.18 -10.50 -3.02
N ARG A 279 -16.35 -10.21 -2.49
CA ARG A 279 -16.88 -8.85 -2.57
C ARG A 279 -17.34 -8.39 -1.20
N THR A 280 -17.54 -7.08 -1.05
CA THR A 280 -18.29 -6.58 0.09
C THR A 280 -18.76 -5.17 -0.19
N ASN A 281 -19.88 -4.79 0.43
CA ASN A 281 -20.25 -3.39 0.52
C ASN A 281 -19.78 -2.87 1.88
N GLN A 282 -18.90 -1.89 1.85
CA GLN A 282 -18.44 -1.24 3.06
C GLN A 282 -19.33 -0.06 3.35
N CYS A 283 -20.01 -0.05 4.50
CA CYS A 283 -20.86 1.07 4.86
C CYS A 283 -20.15 2.00 5.83
N ALA A 284 -20.72 3.19 5.99
CA ALA A 284 -20.20 4.21 6.90
C ALA A 284 -19.98 3.63 8.29
N GLY A 285 -18.83 3.94 8.88
CA GLY A 285 -18.44 3.41 10.18
C GLY A 285 -17.81 2.03 10.13
N GLU A 286 -17.56 1.50 8.93
CA GLU A 286 -16.92 0.18 8.84
C GLU A 286 -15.51 0.26 8.25
N PHE A 287 -14.66 -0.69 8.66
CA PHE A 287 -13.31 -0.84 8.14
C PHE A 287 -13.25 -1.96 7.13
N VAL A 288 -12.45 -1.75 6.08
CA VAL A 288 -11.98 -2.84 5.25
C VAL A 288 -10.46 -2.98 5.42
N ILE A 289 -9.99 -4.20 5.60
CA ILE A 289 -8.55 -4.47 5.67
C ILE A 289 -8.12 -5.31 4.47
N THR A 290 -7.06 -4.88 3.79
CA THR A 290 -6.47 -5.72 2.75
C THR A 290 -5.15 -6.33 3.21
N PHE A 291 -4.93 -7.58 2.85
CA PHE A 291 -3.75 -8.31 3.31
C PHE A 291 -2.61 -8.27 2.29
N PRO A 292 -1.39 -8.68 2.69
CA PRO A 292 -0.26 -8.57 1.75
C PRO A 292 -0.45 -9.29 0.42
N ARG A 293 -0.18 -8.55 -0.65
CA ARG A 293 -0.28 -9.03 -2.02
C ARG A 293 -1.71 -9.43 -2.42
N ALA A 294 -2.71 -8.93 -1.70
CA ALA A 294 -4.11 -9.15 -2.07
C ALA A 294 -4.57 -8.07 -3.05
N TYR A 295 -4.77 -8.45 -4.30
CA TYR A 295 -5.35 -7.55 -5.28
C TYR A 295 -6.75 -7.10 -4.86
N HIS A 296 -7.06 -5.84 -5.07
CA HIS A 296 -8.41 -5.34 -4.79
C HIS A 296 -8.74 -4.23 -5.76
N SER A 297 -10.04 -4.01 -5.94
CA SER A 297 -10.58 -2.94 -6.77
C SER A 297 -12.00 -2.64 -6.29
N GLY A 298 -12.61 -1.59 -6.82
CA GLY A 298 -13.97 -1.30 -6.41
C GLY A 298 -14.49 0.00 -6.95
N PHE A 299 -15.62 0.43 -6.42
CA PHE A 299 -16.24 1.67 -6.87
C PHE A 299 -17.17 2.18 -5.77
N ASN A 300 -17.42 3.48 -5.79
CA ASN A 300 -18.31 4.09 -4.83
C ASN A 300 -19.77 4.10 -5.31
N GLN A 301 -20.69 3.86 -4.37
CA GLN A 301 -22.12 3.86 -4.63
C GLN A 301 -22.69 5.26 -4.72
N GLY A 302 -21.99 6.23 -4.15
CA GLY A 302 -22.47 7.60 -4.17
C GLY A 302 -21.49 8.47 -3.41
N PHE A 303 -21.90 9.69 -3.09
CA PHE A 303 -21.09 10.67 -2.34
C PHE A 303 -20.65 10.07 -1.00
N ASN A 304 -19.34 10.01 -0.79
CA ASN A 304 -18.83 9.50 0.47
C ASN A 304 -17.41 9.99 0.78
N PHE A 305 -16.88 9.60 1.94
CA PHE A 305 -15.60 10.13 2.41
C PHE A 305 -14.89 9.06 3.20
N ALA A 306 -13.73 8.68 2.70
CA ALA A 306 -12.99 7.56 3.24
C ALA A 306 -11.57 8.00 3.55
N GLU A 307 -10.91 7.24 4.42
CA GLU A 307 -9.54 7.51 4.84
C GLU A 307 -8.84 6.17 4.96
N ALA A 308 -7.61 6.10 4.48
CA ALA A 308 -6.93 4.80 4.41
C ALA A 308 -5.43 4.95 4.68
N VAL A 309 -4.80 3.88 5.15
CA VAL A 309 -3.36 3.95 5.42
C VAL A 309 -2.73 2.58 5.24
N ASN A 310 -1.50 2.59 4.74
CA ASN A 310 -0.70 1.39 4.62
C ASN A 310 -0.10 1.05 5.96
N PHE A 311 0.16 -0.22 6.21
CA PHE A 311 0.90 -0.57 7.41
C PHE A 311 1.51 -1.95 7.29
N CYS A 312 2.49 -2.22 8.14
CA CYS A 312 3.26 -3.43 8.10
C CYS A 312 3.45 -3.99 9.51
N THR A 313 3.05 -5.24 9.69
CA THR A 313 3.20 -5.96 10.94
C THR A 313 4.40 -6.89 10.84
N VAL A 314 4.67 -7.66 11.90
CA VAL A 314 5.80 -8.60 11.92
C VAL A 314 5.53 -9.78 11.00
N ASP A 315 4.27 -10.13 10.84
CA ASP A 315 3.88 -11.18 9.90
C ASP A 315 4.36 -10.84 8.49
N TRP A 316 4.38 -9.55 8.18
CA TRP A 316 4.66 -9.07 6.85
C TRP A 316 6.15 -9.12 6.48
N LEU A 317 7.02 -9.10 7.50
CA LEU A 317 8.46 -8.92 7.25
C LEU A 317 9.05 -9.86 6.19
N PRO A 318 8.82 -11.18 6.27
CA PRO A 318 9.40 -12.01 5.21
C PRO A 318 8.83 -11.71 3.83
N LEU A 319 7.54 -11.36 3.78
CA LEU A 319 6.93 -11.01 2.50
C LEU A 319 7.51 -9.74 1.93
N GLY A 320 7.83 -8.80 2.82
CA GLY A 320 8.48 -7.58 2.38
C GLY A 320 9.81 -7.85 1.69
N ARG A 321 10.57 -8.82 2.21
CA ARG A 321 11.85 -9.18 1.58
C ARG A 321 11.59 -9.83 0.20
N GLN A 322 10.61 -10.71 0.16
N GLN A 322 10.62 -10.73 0.15
CA GLN A 322 10.25 -11.38 -1.10
CA GLN A 322 10.27 -11.37 -1.13
C GLN A 322 9.73 -10.38 -2.14
C GLN A 322 9.80 -10.32 -2.15
N CYS A 323 9.06 -9.33 -1.68
CA CYS A 323 8.58 -8.28 -2.59
C CYS A 323 9.74 -7.53 -3.25
N VAL A 324 10.74 -7.16 -2.47
CA VAL A 324 11.87 -6.40 -3.01
C VAL A 324 12.61 -7.21 -4.08
N GLU A 325 12.70 -8.49 -3.84
CA GLU A 325 13.22 -9.43 -4.81
C GLU A 325 12.36 -9.51 -6.07
N TYR A 327 10.48 -7.11 -7.07
CA TYR A 327 10.70 -5.86 -7.79
C TYR A 327 11.97 -5.91 -8.61
N ARG A 328 13.00 -6.58 -8.08
N ARG A 328 12.98 -6.58 -8.06
CA ARG A 328 14.28 -6.65 -8.78
CA ARG A 328 14.29 -6.71 -8.70
C ARG A 328 14.10 -7.36 -10.10
C ARG A 328 14.13 -7.38 -10.06
N LEU A 329 13.45 -8.52 -10.06
CA LEU A 329 13.17 -9.29 -11.28
C LEU A 329 12.37 -8.49 -12.31
N LEU A 330 11.53 -7.57 -11.82
CA LEU A 330 10.67 -6.77 -12.68
C LEU A 330 11.27 -5.44 -13.05
N HIS A 331 12.42 -5.12 -12.45
CA HIS A 331 13.03 -3.81 -12.63
C HIS A 331 12.11 -2.68 -12.16
N ARG A 332 11.39 -2.91 -11.07
CA ARG A 332 10.48 -1.90 -10.53
C ARG A 332 11.15 -1.09 -9.40
N TYR A 333 10.87 0.21 -9.37
CA TYR A 333 11.41 1.06 -8.30
C TYR A 333 10.85 0.71 -6.93
N CYS A 334 11.69 0.85 -5.90
CA CYS A 334 11.27 0.67 -4.51
C CYS A 334 10.84 1.99 -3.92
N VAL A 335 9.96 1.95 -2.92
CA VAL A 335 9.60 3.15 -2.19
C VAL A 335 10.63 3.44 -1.08
N PHE A 336 11.13 2.37 -0.48
CA PHE A 336 12.19 2.47 0.53
C PHE A 336 13.07 1.22 0.43
N SER A 337 14.23 1.27 1.10
CA SER A 337 15.08 0.09 1.19
C SER A 337 14.68 -0.78 2.37
N HIS A 338 14.29 -2.01 2.08
CA HIS A 338 13.91 -2.97 3.12
C HIS A 338 15.09 -3.27 4.06
N ASP A 339 16.29 -3.45 3.50
CA ASP A 339 17.47 -3.71 4.34
C ASP A 339 17.79 -2.52 5.23
N GLU A 340 17.63 -1.31 4.70
CA GLU A 340 17.85 -0.15 5.52
C GLU A 340 16.92 -0.13 6.72
N MET A 341 15.67 -0.53 6.49
CA MET A 341 14.69 -0.52 7.57
C MET A 341 15.07 -1.56 8.63
N ILE A 342 15.50 -2.72 8.18
CA ILE A 342 15.90 -3.80 9.08
C ILE A 342 17.07 -3.34 9.97
N CYS A 343 18.08 -2.70 9.35
CA CYS A 343 19.28 -2.29 10.09
C CYS A 343 18.97 -1.14 11.02
N LYS A 344 18.05 -0.27 10.63
CA LYS A 344 17.61 0.81 11.51
C LYS A 344 16.96 0.23 12.76
N MET A 345 16.16 -0.82 12.59
CA MET A 345 15.53 -1.42 13.75
C MET A 345 16.56 -2.12 14.66
N ALA A 346 17.51 -2.83 14.06
CA ALA A 346 18.58 -3.47 14.82
C ALA A 346 19.37 -2.44 15.63
N SER A 347 19.62 -1.26 15.05
CA SER A 347 20.30 -0.20 15.76
C SER A 347 19.46 0.41 16.89
N LYS A 348 18.18 0.05 16.95
CA LYS A 348 17.31 0.52 18.04
C LYS A 348 16.82 -0.68 18.88
N ALA A 349 17.60 -1.75 18.89
CA ALA A 349 17.15 -3.02 19.46
C ALA A 349 16.69 -2.89 20.92
N ASP A 350 17.35 -2.02 21.68
CA ASP A 350 17.06 -1.90 23.12
C ASP A 350 15.67 -1.33 23.42
N VAL A 351 15.07 -0.60 22.48
CA VAL A 351 13.75 -0.02 22.73
C VAL A 351 12.67 -0.63 21.84
N LEU A 352 12.99 -1.72 21.15
CA LEU A 352 12.00 -2.42 20.34
C LEU A 352 11.10 -3.31 21.17
N ASP A 353 9.87 -3.48 20.70
CA ASP A 353 8.99 -4.51 21.24
C ASP A 353 9.68 -5.87 21.12
N VAL A 354 9.50 -6.74 22.11
CA VAL A 354 10.26 -8.00 22.11
C VAL A 354 9.86 -8.96 20.99
N VAL A 355 8.59 -8.95 20.58
CA VAL A 355 8.15 -9.82 19.48
C VAL A 355 8.71 -9.29 18.16
N VAL A 356 8.69 -7.97 18.02
CA VAL A 356 9.30 -7.31 16.87
C VAL A 356 10.78 -7.69 16.80
N ALA A 357 11.47 -7.58 17.93
CA ALA A 357 12.89 -7.88 17.98
C ALA A 357 13.15 -9.30 17.48
N SER A 358 12.35 -10.25 17.96
CA SER A 358 12.52 -11.63 17.55
C SER A 358 12.34 -11.85 16.04
N THR A 359 11.35 -11.18 15.46
CA THR A 359 11.03 -11.35 14.05
C THR A 359 12.05 -10.63 13.16
N VAL A 360 12.45 -9.42 13.54
CA VAL A 360 13.51 -8.71 12.82
C VAL A 360 14.81 -9.53 12.81
N GLN A 361 15.08 -10.19 13.93
CA GLN A 361 16.30 -10.98 14.05
C GLN A 361 16.36 -12.08 12.98
N LYS A 362 15.22 -12.74 12.77
CA LYS A 362 15.15 -13.80 11.78
C LYS A 362 15.34 -13.28 10.36
N ASP A 363 14.77 -12.11 10.06
CA ASP A 363 14.94 -11.54 8.72
C ASP A 363 16.38 -11.07 8.51
N MET A 364 16.97 -10.53 9.58
CA MET A 364 18.35 -10.06 9.53
C MET A 364 19.31 -11.20 9.25
N ALA A 365 19.03 -12.36 9.83
CA ALA A 365 19.87 -13.53 9.64
C ALA A 365 19.89 -13.96 8.19
N ILE A 366 18.74 -13.90 7.55
CA ILE A 366 18.65 -14.23 6.13
C ILE A 366 19.40 -13.19 5.30
N MET A 367 19.18 -11.92 5.62
CA MET A 367 19.88 -10.82 4.96
C MET A 367 21.40 -11.02 4.99
N ILE A 368 21.89 -11.38 6.16
CA ILE A 368 23.34 -11.48 6.35
C ILE A 368 23.89 -12.66 5.55
N GLU A 369 23.20 -13.80 5.61
CA GLU A 369 23.61 -14.93 4.81
C GLU A 369 23.56 -14.65 3.31
N ASP A 370 22.53 -13.94 2.83
CA ASP A 370 22.49 -13.61 1.40
C ASP A 370 23.63 -12.64 1.04
N GLU A 371 23.94 -11.72 1.94
CA GLU A 371 24.96 -10.70 1.65
C GLU A 371 26.34 -11.33 1.63
N LYS A 372 26.57 -12.26 2.54
CA LYS A 372 27.83 -12.99 2.58
C LYS A 372 28.07 -13.68 1.23
N ALA A 373 27.05 -14.36 0.73
CA ALA A 373 27.15 -15.09 -0.52
C ALA A 373 27.39 -14.15 -1.71
N LEU A 374 26.70 -13.01 -1.73
CA LEU A 374 26.83 -12.06 -2.83
C LEU A 374 28.23 -11.43 -2.87
N ARG A 375 28.78 -11.14 -1.70
CA ARG A 375 30.10 -10.53 -1.62
C ARG A 375 31.17 -11.52 -2.08
N GLU A 376 31.00 -12.79 -1.74
CA GLU A 376 31.92 -13.84 -2.21
C GLU A 376 31.90 -13.93 -3.73
N THR A 377 30.71 -13.90 -4.32
CA THR A 377 30.57 -13.93 -5.78
C THR A 377 31.24 -12.74 -6.49
N VAL A 378 31.09 -11.53 -5.97
CA VAL A 378 31.68 -10.40 -6.69
C VAL A 378 33.21 -10.39 -6.47
N ARG A 379 33.68 -10.92 -5.34
CA ARG A 379 35.14 -11.08 -5.13
C ARG A 379 35.73 -12.02 -6.19
N LYS A 380 34.99 -13.09 -6.50
CA LYS A 380 35.44 -14.07 -7.48
C LYS A 380 35.34 -13.52 -8.88
N LEU A 381 34.65 -12.40 -9.03
CA LEU A 381 34.58 -11.74 -10.34
C LEU A 381 35.75 -10.77 -10.49
N GLY A 382 36.52 -10.60 -9.43
CA GLY A 382 37.73 -9.79 -9.51
C GLY A 382 37.55 -8.36 -9.02
N VAL A 383 36.45 -8.11 -8.30
CA VAL A 383 36.30 -6.85 -7.58
C VAL A 383 37.08 -6.95 -6.27
N ILE A 384 38.11 -6.14 -6.13
CA ILE A 384 39.01 -6.29 -4.99
C ILE A 384 38.96 -5.08 -4.06
N ASP A 385 39.05 -3.91 -4.65
CA ASP A 385 39.02 -2.68 -3.87
C ASP A 385 37.64 -2.50 -3.23
N SER A 386 37.60 -1.91 -2.04
CA SER A 386 36.34 -1.68 -1.37
C SER A 386 36.45 -0.47 -0.47
N GLU A 387 35.31 0.14 -0.17
CA GLU A 387 35.25 1.27 0.74
C GLU A 387 33.88 1.34 1.41
N ARG A 388 33.85 1.66 2.70
CA ARG A 388 32.58 1.83 3.40
C ARG A 388 31.83 3.01 2.78
N MET A 389 30.50 2.91 2.73
CA MET A 389 29.72 4.02 2.22
C MET A 389 28.39 4.12 2.95
N ASP A 390 28.06 5.31 3.43
CA ASP A 390 26.78 5.54 4.14
C ASP A 390 25.63 5.77 3.17
N PHE A 391 25.10 4.67 2.62
CA PHE A 391 24.08 4.73 1.58
C PHE A 391 22.85 5.54 2.00
N GLU A 392 22.50 5.48 3.28
CA GLU A 392 21.27 6.12 3.76
C GLU A 392 21.30 7.65 3.61
N LEU A 393 22.48 8.20 3.38
CA LEU A 393 22.64 9.64 3.17
C LEU A 393 22.36 10.07 1.73
N LEU A 394 22.41 9.13 0.79
CA LEU A 394 22.15 9.44 -0.62
C LEU A 394 20.66 9.54 -0.88
N PRO A 395 20.25 10.58 -1.62
CA PRO A 395 18.89 10.61 -2.17
C PRO A 395 18.63 9.32 -2.92
N ASP A 396 17.41 8.79 -2.86
CA ASP A 396 17.12 7.47 -3.44
C ASP A 396 17.48 7.37 -4.92
N ASP A 397 17.23 8.44 -5.66
CA ASP A 397 17.52 8.45 -7.10
C ASP A 397 19.01 8.40 -7.34
N GLU A 398 19.82 8.63 -6.30
CA GLU A 398 21.25 8.53 -6.47
C GLU A 398 21.80 7.17 -6.03
N ARG A 399 20.94 6.24 -5.62
CA ARG A 399 21.44 4.92 -5.25
C ARG A 399 20.58 3.78 -5.79
N GLN A 400 20.04 3.95 -6.99
CA GLN A 400 19.36 2.85 -7.67
C GLN A 400 20.29 2.11 -8.61
N CYS A 401 20.22 0.78 -8.57
CA CYS A 401 20.90 -0.05 -9.55
C CYS A 401 20.52 0.38 -10.97
N VAL A 402 21.53 0.70 -11.78
CA VAL A 402 21.35 1.10 -13.17
C VAL A 402 20.51 0.09 -13.96
N LYS A 403 20.70 -1.17 -13.65
CA LYS A 403 19.99 -2.28 -14.28
C LYS A 403 18.60 -2.57 -13.73
N CYS A 404 18.50 -2.92 -12.44
CA CYS A 404 17.22 -3.41 -11.90
C CYS A 404 16.46 -2.38 -11.07
N LYS A 405 17.07 -1.21 -10.90
CA LYS A 405 16.47 -0.06 -10.19
C LYS A 405 16.27 -0.26 -8.68
N THR A 406 16.76 -1.36 -8.12
CA THR A 406 16.61 -1.57 -6.68
C THR A 406 17.34 -0.44 -5.91
N THR A 407 16.81 -0.07 -4.76
CA THR A 407 17.45 0.91 -3.90
C THR A 407 18.56 0.21 -3.12
N CYS A 408 19.81 0.61 -3.36
CA CYS A 408 20.93 0.00 -2.67
C CYS A 408 21.06 0.46 -1.21
N PHE A 409 21.50 -0.44 -0.34
CA PHE A 409 21.83 -0.05 1.02
C PHE A 409 22.97 -0.91 1.58
N MET A 410 22.82 -2.22 1.51
CA MET A 410 23.85 -3.12 2.08
C MET A 410 25.17 -2.98 1.33
N SER A 411 25.09 -2.95 -0.01
CA SER A 411 26.26 -2.82 -0.88
C SER A 411 25.91 -2.50 -2.33
N ALA A 412 26.92 -2.04 -3.06
CA ALA A 412 26.81 -1.75 -4.47
C ALA A 412 28.19 -1.72 -5.10
N ILE A 413 28.25 -1.80 -6.43
CA ILE A 413 29.49 -1.64 -7.17
C ILE A 413 29.50 -0.32 -7.91
N SER A 414 30.63 0.38 -7.80
CA SER A 414 30.87 1.62 -8.54
C SER A 414 32.10 1.46 -9.43
N CYS A 415 32.30 2.41 -10.34
CA CYS A 415 33.49 2.46 -11.17
C CYS A 415 33.85 3.90 -11.47
N SER A 416 35.14 4.23 -11.34
CA SER A 416 35.66 5.57 -11.60
C SER A 416 35.29 6.12 -13.00
N CYS A 417 35.15 5.23 -13.98
CA CYS A 417 34.85 5.66 -15.34
C CYS A 417 33.40 6.13 -15.51
N LYS A 418 32.52 5.69 -14.61
CA LYS A 418 31.11 6.08 -14.65
C LYS A 418 30.70 6.72 -13.33
N PRO A 419 31.19 7.94 -13.06
CA PRO A 419 31.04 8.58 -11.74
C PRO A 419 29.58 8.69 -11.33
N GLY A 420 29.28 8.26 -10.11
CA GLY A 420 27.93 8.38 -9.59
C GLY A 420 26.98 7.24 -9.90
N LEU A 421 27.32 6.39 -10.86
CA LEU A 421 26.46 5.26 -11.17
C LEU A 421 26.76 4.04 -10.30
N LEU A 422 25.72 3.25 -10.04
CA LEU A 422 25.83 2.09 -9.17
C LEU A 422 25.07 0.92 -9.76
N VAL A 423 25.54 -0.28 -9.45
CA VAL A 423 24.76 -1.48 -9.67
C VAL A 423 24.75 -2.26 -8.37
N CYS A 424 23.66 -2.97 -8.12
CA CYS A 424 23.60 -3.90 -6.99
C CYS A 424 24.50 -5.08 -7.32
N LEU A 425 24.70 -5.96 -6.35
CA LEU A 425 25.69 -7.00 -6.53
C LEU A 425 25.19 -8.13 -7.45
N HIS A 426 23.89 -8.15 -7.75
CA HIS A 426 23.36 -9.07 -8.76
C HIS A 426 23.72 -8.64 -10.18
N HIS A 427 24.12 -7.39 -10.35
CA HIS A 427 24.32 -6.85 -11.69
C HIS A 427 25.67 -6.20 -11.93
N VAL A 428 26.71 -6.80 -11.34
CA VAL A 428 28.08 -6.34 -11.52
C VAL A 428 28.47 -6.19 -13.00
N LYS A 429 28.00 -7.10 -13.86
CA LYS A 429 28.34 -7.03 -15.30
C LYS A 429 27.66 -5.90 -16.08
N GLU A 430 26.80 -5.12 -15.43
CA GLU A 430 25.97 -4.18 -16.18
C GLU A 430 26.35 -2.73 -15.96
N LEU A 431 27.46 -2.50 -15.27
CA LEU A 431 27.83 -1.14 -14.91
C LEU A 431 28.58 -0.40 -16.02
N CYS A 432 29.64 -1.01 -16.54
CA CYS A 432 30.44 -0.40 -17.62
C CYS A 432 31.34 -1.44 -18.27
N SER A 433 32.18 -1.01 -19.20
CA SER A 433 33.03 -1.95 -19.95
C SER A 433 34.44 -2.10 -19.37
N CYS A 434 34.78 -1.34 -18.33
CA CYS A 434 36.10 -1.46 -17.69
C CYS A 434 36.30 -2.84 -17.06
N PRO A 435 37.56 -3.29 -16.94
CA PRO A 435 37.83 -4.54 -16.21
C PRO A 435 37.54 -4.40 -14.71
N PRO A 436 37.12 -5.50 -14.08
CA PRO A 436 36.72 -5.61 -12.67
C PRO A 436 37.67 -4.97 -11.65
N TYR A 437 38.96 -4.94 -11.94
CA TYR A 437 39.89 -4.36 -10.97
C TYR A 437 39.76 -2.84 -10.90
N LYS A 438 39.01 -2.26 -11.82
CA LYS A 438 38.73 -0.83 -11.78
C LYS A 438 37.47 -0.52 -10.93
N TYR A 439 36.79 -1.58 -10.49
CA TYR A 439 35.55 -1.44 -9.71
C TYR A 439 35.85 -1.34 -8.22
N LYS A 440 34.91 -0.76 -7.46
CA LYS A 440 34.99 -0.78 -6.00
C LYS A 440 33.69 -1.34 -5.45
N LEU A 441 33.80 -2.24 -4.48
CA LEU A 441 32.67 -2.60 -3.64
C LEU A 441 32.42 -1.54 -2.57
N ARG A 442 31.24 -0.92 -2.61
CA ARG A 442 30.83 0.03 -1.57
CA ARG A 442 30.85 0.02 -1.56
C ARG A 442 29.88 -0.71 -0.63
N TYR A 443 30.18 -0.68 0.67
CA TYR A 443 29.38 -1.44 1.62
C TYR A 443 28.99 -0.58 2.82
N ARG A 444 27.81 -0.81 3.37
CA ARG A 444 27.41 -0.05 4.56
C ARG A 444 28.10 -0.62 5.80
N TYR A 445 28.14 -1.95 5.90
CA TYR A 445 28.69 -2.64 7.07
C TYR A 445 29.59 -3.79 6.65
N THR A 446 30.63 -4.05 7.46
CA THR A 446 31.35 -5.32 7.34
C THR A 446 30.50 -6.42 7.97
N LEU A 447 30.72 -7.66 7.55
CA LEU A 447 30.06 -8.79 8.20
C LEU A 447 30.28 -8.77 9.71
N ASP A 448 31.45 -8.30 10.14
CA ASP A 448 31.75 -8.17 11.55
C ASP A 448 30.99 -7.06 12.26
N ASP A 449 30.53 -6.03 11.55
CA ASP A 449 29.63 -5.06 12.18
C ASP A 449 28.23 -5.69 12.38
N LEU A 450 27.85 -6.56 11.45
CA LEU A 450 26.47 -7.02 11.38
C LEU A 450 26.10 -8.05 12.45
N TYR A 451 27.03 -8.94 12.81
CA TYR A 451 26.72 -9.98 13.80
C TYR A 451 26.42 -9.43 15.20
N PRO A 452 27.16 -8.40 15.67
CA PRO A 452 26.75 -7.78 16.93
C PRO A 452 25.37 -7.08 16.89
N MET A 453 24.99 -6.57 15.72
CA MET A 453 23.69 -5.92 15.58
C MET A 453 22.60 -6.97 15.74
N MET A 454 22.80 -8.11 15.10
CA MET A 454 21.83 -9.18 15.19
C MET A 454 21.78 -9.75 16.61
N ASN A 455 22.93 -9.81 17.28
N ASN A 455 22.93 -9.79 17.27
CA ASN A 455 22.98 -10.28 18.66
CA ASN A 455 23.00 -10.28 18.63
C ASN A 455 22.23 -9.40 19.63
C ASN A 455 22.26 -9.40 19.63
N ALA A 456 22.23 -8.10 19.38
CA ALA A 456 21.48 -7.18 20.24
C ALA A 456 19.98 -7.50 20.15
N LEU A 457 19.53 -7.82 18.94
CA LEU A 457 18.14 -8.21 18.74
C LEU A 457 17.83 -9.48 19.54
N LYS A 458 18.75 -10.43 19.49
CA LYS A 458 18.56 -11.70 20.19
C LYS A 458 18.44 -11.52 21.70
N LEU A 459 19.31 -10.69 22.27
CA LEU A 459 19.23 -10.33 23.70
C LEU A 459 17.93 -9.61 24.06
N ARG A 460 17.48 -8.71 23.20
CA ARG A 460 16.22 -8.02 23.47
C ARG A 460 15.07 -9.02 23.41
N ALA A 461 15.11 -9.91 22.43
CA ALA A 461 14.08 -10.93 22.25
C ALA A 461 14.16 -12.01 23.33
N GLU A 462 15.33 -12.10 23.96
CA GLU A 462 15.63 -13.09 25.00
C GLU A 462 15.44 -14.50 24.50
ZN ZN B . 20.51 -4.62 -9.75
CL CL C . -17.52 2.48 -21.34
MN MN D . -5.33 -0.17 -2.13
C1 EDO E . 21.41 -3.87 -1.91
O1 EDO E . 22.44 -2.88 -1.66
C2 EDO E . 20.96 -4.61 -0.65
O2 EDO E . 20.48 -3.73 0.41
C1 EDO F . -9.08 14.92 -1.42
O1 EDO F . -9.97 13.80 -1.30
C2 EDO F . -8.44 15.21 -0.07
O2 EDO F . -7.53 16.31 -0.17
C1 EDO G . 34.56 -5.82 2.29
O1 EDO G . 33.38 -6.62 2.44
C2 EDO G . 34.83 -5.18 3.63
O2 EDO G . 34.33 -6.04 4.66
C1 EDO H . 19.79 -8.63 -0.41
O1 EDO H . 19.22 -8.02 0.75
C2 EDO H . 21.30 -8.70 -0.17
O2 EDO H . 21.52 -8.94 1.22
C1 EDO I . -14.97 -18.01 -6.10
O1 EDO I . -14.98 -16.57 -5.99
C2 EDO I . -14.27 -18.60 -4.87
O2 EDO I . -13.97 -19.98 -5.11
C1 EDO J . 23.11 5.21 -9.30
O1 EDO J . 22.93 4.31 -10.41
C2 EDO J . 22.19 6.43 -9.39
O2 EDO J . 20.84 6.08 -9.01
C1 EDO K . 1.62 -13.79 -0.86
O1 EDO K . 0.90 -15.01 -0.60
C2 EDO K . 2.85 -14.05 -1.74
O2 EDO K . 2.44 -14.44 -3.06
C1 EDO L . 35.65 -6.74 -2.35
O1 EDO L . 35.36 -7.87 -3.21
C2 EDO L . 36.63 -7.15 -1.25
O2 EDO L . 37.89 -7.48 -1.84
C1 EDO M . -6.79 -20.75 -19.17
O1 EDO M . -7.89 -20.50 -20.06
C2 EDO M . -6.92 -19.90 -17.91
O2 EDO M . -7.86 -20.48 -17.00
C01 NRW N . -7.75 6.27 -11.30
C02 NRW N . -7.53 5.28 -10.15
C03 NRW N . -7.32 5.60 -8.81
C04 NRW N . -7.16 4.40 -8.11
C05 NRW N . -6.89 4.22 -6.60
N06 NRW N . -7.57 4.93 -5.53
C07 NRW N . -8.62 5.92 -5.80
C08 NRW N . -7.16 4.66 -4.18
C09 NRW N . -7.80 3.49 -3.42
C10 NRW N . -9.12 3.55 -2.97
C11 NRW N . -9.62 2.46 -2.27
C12 NRW N . -8.80 1.34 -2.04
N13 NRW N . -7.52 1.29 -2.47
C14 NRW N . -7.02 2.36 -3.15
O15 NRW N . -6.01 3.43 -6.27
O16 NRW N . -7.25 3.40 -9.03
N17 NRW N . -7.50 3.96 -10.28
P PO4 O . 18.15 -9.63 -15.25
O1 PO4 O . 17.67 -10.75 -16.17
O2 PO4 O . 18.90 -10.19 -14.08
O3 PO4 O . 19.05 -8.71 -16.05
O4 PO4 O . 16.96 -8.82 -14.76
S DMS P . -3.67 4.26 1.00
O DMS P . -4.93 4.15 0.17
C1 DMS P . -2.23 4.20 -0.13
C2 DMS P . -3.47 2.68 1.86
S DMS Q . 4.53 -5.75 -8.15
O DMS Q . 4.56 -7.01 -7.34
C1 DMS Q . 3.15 -4.66 -7.69
C2 DMS Q . 3.86 -6.15 -9.79
#